data_8JBN
#
_entry.id   8JBN
#
_cell.length_a   123.467
_cell.length_b   123.467
_cell.length_c   178.909
_cell.angle_alpha   90.000
_cell.angle_beta   90.000
_cell.angle_gamma   120.000
#
_symmetry.space_group_name_H-M   'P 61 2 2'
#
loop_
_entity.id
_entity.type
_entity.pdbx_description
1 polymer 'Receptor-type tyrosine-protein phosphatase beta'
2 non-polymer 1,2-ETHANEDIOL
3 non-polymer '5-(1~{H}-indol-3-yl)-1,2-oxazole-3-carboxylic acid'
4 non-polymer '4-(2-HYDROXYETHYL)-1-PIPERAZINE ETHANESULFONIC ACID'
5 water water
#
_entity_poly.entity_id   1
_entity_poly.type   'polypeptide(L)'
_entity_poly.pdbx_seq_one_letter_code
;GPLGSPGIPNQFEGHFMKLQADSNYLLSKEYEELKDVGRNQSCDIALLPENRGKNRYNNILPYDATRVKLSNVDDDPCSD
YINASYIPGNNFRREYIVTQGPLPGTKDDFWKMVWEQNVHNIVMVTQCVEKGRVKCDHYWPADQDSLYYGDLILQMLSES
VLPEWTIREFKICGEEQLDAHRLIRHFHYTVWPDHGVPETTQSLIQFVRTVRDYINRSPGAGPTVVHCSAGVGRTGTFIA
LDRILQQLDSKDSVDIYGAVHDLRLHRVHMVQTECQYVYLHQCVRDVLRARKLRS
;
_entity_poly.pdbx_strand_id   A,B
#
# COMPACT_ATOMS: atom_id res chain seq x y z
N GLN A 11 -19.63 -34.16 27.57
CA GLN A 11 -19.47 -35.07 26.44
C GLN A 11 -18.28 -34.67 25.58
N PHE A 12 -18.02 -33.37 25.49
CA PHE A 12 -16.86 -32.91 24.74
C PHE A 12 -15.56 -33.36 25.40
N GLU A 13 -15.50 -33.28 26.74
CA GLU A 13 -14.27 -33.65 27.44
C GLU A 13 -13.85 -35.06 27.08
N GLY A 14 -14.80 -36.01 27.07
CA GLY A 14 -14.47 -37.36 26.68
C GLY A 14 -14.09 -37.48 25.22
N HIS A 15 -14.79 -36.72 24.36
CA HIS A 15 -14.43 -36.70 22.94
C HIS A 15 -13.01 -36.21 22.74
N PHE A 16 -12.63 -35.12 23.41
CA PHE A 16 -11.28 -34.57 23.26
C PHE A 16 -10.23 -35.52 23.82
N MET A 17 -10.53 -36.20 24.94
CA MET A 17 -9.58 -37.16 25.49
C MET A 17 -9.30 -38.29 24.51
N LYS A 18 -10.35 -38.80 23.84
CA LYS A 18 -10.15 -39.84 22.85
C LYS A 18 -9.33 -39.32 21.66
N LEU A 19 -9.53 -38.06 21.28
CA LEU A 19 -8.76 -37.49 20.19
C LEU A 19 -7.28 -37.36 20.56
N GLN A 20 -6.99 -37.09 21.83
CA GLN A 20 -5.62 -36.90 22.28
C GLN A 20 -4.90 -38.22 22.56
N ALA A 21 -5.64 -39.30 22.77
CA ALA A 21 -5.01 -40.58 23.05
C ALA A 21 -4.04 -40.95 21.94
N ASP A 22 -3.03 -41.74 22.30
CA ASP A 22 -2.07 -42.23 21.32
C ASP A 22 -1.42 -41.05 20.59
N SER A 23 -0.98 -40.07 21.38
CA SER A 23 -0.27 -38.89 20.89
C SER A 23 -1.04 -38.17 19.78
N ASN A 24 -2.32 -37.89 20.07
CA ASN A 24 -3.20 -37.13 19.19
C ASN A 24 -3.50 -37.85 17.87
N TYR A 25 -3.44 -39.19 17.87
CA TYR A 25 -3.62 -39.91 16.62
C TYR A 25 -4.94 -39.54 15.93
N LEU A 26 -6.05 -39.63 16.67
CA LEU A 26 -7.35 -39.37 16.05
C LEU A 26 -7.55 -37.89 15.77
N LEU A 27 -6.99 -37.00 16.59
CA LEU A 27 -7.08 -35.58 16.29
C LEU A 27 -6.38 -35.28 14.97
N SER A 28 -5.19 -35.84 14.78
CA SER A 28 -4.44 -35.60 13.55
C SER A 28 -5.15 -36.20 12.34
N LYS A 29 -5.69 -37.42 12.49
CA LYS A 29 -6.44 -38.03 11.40
C LYS A 29 -7.63 -37.16 11.02
N GLU A 30 -8.36 -36.66 12.01
CA GLU A 30 -9.50 -35.79 11.74
C GLU A 30 -9.06 -34.51 11.02
N TYR A 31 -7.98 -33.89 11.49
CA TYR A 31 -7.52 -32.65 10.86
C TYR A 31 -7.09 -32.89 9.42
N GLU A 32 -6.40 -34.00 9.17
CA GLU A 32 -5.99 -34.32 7.80
C GLU A 32 -7.18 -34.64 6.90
N GLU A 33 -8.29 -35.12 7.46
CA GLU A 33 -9.48 -35.32 6.64
C GLU A 33 -9.98 -34.03 6.00
N LEU A 34 -9.59 -32.88 6.53
CA LEU A 34 -10.04 -31.59 6.04
C LEU A 34 -9.15 -31.00 4.96
N LYS A 35 -8.02 -31.64 4.64
CA LYS A 35 -6.99 -30.92 3.90
C LYS A 35 -7.46 -30.51 2.50
N ASP A 36 -8.29 -31.32 1.85
CA ASP A 36 -8.71 -31.02 0.49
C ASP A 36 -9.99 -30.19 0.41
N VAL A 37 -10.62 -29.89 1.55
CA VAL A 37 -11.95 -29.29 1.53
C VAL A 37 -11.89 -27.94 0.84
N GLY A 38 -12.75 -27.76 -0.16
CA GLY A 38 -12.88 -26.48 -0.84
C GLY A 38 -11.84 -26.17 -1.89
N ARG A 39 -10.79 -26.99 -2.01
CA ARG A 39 -9.62 -26.58 -2.79
C ARG A 39 -9.76 -26.83 -4.28
N ASN A 40 -10.87 -27.40 -4.77
CA ASN A 40 -11.05 -27.52 -6.21
C ASN A 40 -11.77 -26.31 -6.80
N GLN A 41 -11.97 -25.26 -6.01
CA GLN A 41 -12.64 -24.05 -6.49
C GLN A 41 -11.63 -23.12 -7.15
N SER A 42 -12.06 -22.45 -8.22
CA SER A 42 -11.16 -21.61 -8.98
C SER A 42 -10.88 -20.29 -8.28
N CYS A 43 -9.69 -19.75 -8.53
N CYS A 43 -9.69 -19.75 -8.52
CA CYS A 43 -9.28 -18.42 -8.10
CA CYS A 43 -9.30 -18.41 -8.10
C CYS A 43 -8.83 -17.58 -9.29
C CYS A 43 -8.81 -17.61 -9.30
N ASP A 44 -9.52 -17.72 -10.42
CA ASP A 44 -9.04 -17.11 -11.66
C ASP A 44 -8.99 -15.59 -11.58
N ILE A 45 -9.97 -14.96 -10.92
CA ILE A 45 -9.98 -13.50 -10.83
C ILE A 45 -8.74 -13.03 -10.07
N ALA A 46 -8.44 -13.67 -8.94
CA ALA A 46 -7.25 -13.30 -8.18
C ALA A 46 -5.96 -13.52 -8.96
N LEU A 47 -5.97 -14.42 -9.95
CA LEU A 47 -4.81 -14.73 -10.76
C LEU A 47 -4.66 -13.82 -11.98
N LEU A 48 -5.59 -12.89 -12.21
CA LEU A 48 -5.43 -11.99 -13.34
C LEU A 48 -4.17 -11.14 -13.15
N PRO A 49 -3.42 -10.87 -14.22
CA PRO A 49 -2.18 -10.08 -14.07
C PRO A 49 -2.41 -8.71 -13.45
N GLU A 50 -3.52 -8.05 -13.79
CA GLU A 50 -3.81 -6.72 -13.25
C GLU A 50 -4.02 -6.75 -11.73
N ASN A 51 -4.30 -7.92 -11.15
CA ASN A 51 -4.48 -8.06 -9.71
C ASN A 51 -3.26 -8.62 -9.00
N ARG A 52 -2.17 -8.85 -9.73
CA ARG A 52 -1.03 -9.58 -9.16
C ARG A 52 -0.43 -8.82 -7.98
N GLY A 53 -0.35 -7.49 -8.08
CA GLY A 53 0.20 -6.70 -7.00
C GLY A 53 -0.71 -6.53 -5.81
N LYS A 54 -1.93 -7.04 -5.88
CA LYS A 54 -2.92 -6.87 -4.82
C LYS A 54 -2.93 -8.02 -3.82
N ASN A 55 -2.12 -9.04 -4.05
CA ASN A 55 -2.06 -10.23 -3.20
C ASN A 55 -0.74 -10.24 -2.45
N ARG A 56 -0.82 -10.35 -1.12
CA ARG A 56 0.41 -10.39 -0.32
C ARG A 56 1.16 -11.70 -0.53
N TYR A 57 0.44 -12.81 -0.69
CA TYR A 57 1.04 -14.14 -0.83
C TYR A 57 0.48 -14.84 -2.05
N ASN A 58 1.37 -15.37 -2.90
CA ASN A 58 0.94 -16.07 -4.11
C ASN A 58 -0.01 -17.23 -3.82
N ASN A 59 0.18 -17.91 -2.69
CA ASN A 59 -0.56 -19.13 -2.41
C ASN A 59 -1.80 -18.91 -1.56
N ILE A 60 -2.16 -17.66 -1.27
CA ILE A 60 -3.33 -17.33 -0.47
C ILE A 60 -4.17 -16.37 -1.30
N LEU A 61 -5.10 -16.91 -2.08
CA LEU A 61 -5.98 -16.15 -2.96
C LEU A 61 -7.43 -16.49 -2.63
N PRO A 62 -8.34 -15.54 -2.78
CA PRO A 62 -9.75 -15.85 -2.55
C PRO A 62 -10.32 -16.66 -3.70
N TYR A 63 -11.28 -17.53 -3.37
CA TYR A 63 -12.04 -18.24 -4.39
C TYR A 63 -12.97 -17.28 -5.12
N ASP A 64 -13.12 -17.49 -6.44
CA ASP A 64 -14.08 -16.70 -7.22
C ASP A 64 -15.48 -16.75 -6.61
N ALA A 65 -15.87 -17.92 -6.09
CA ALA A 65 -17.24 -18.09 -5.64
C ALA A 65 -17.54 -17.34 -4.34
N THR A 66 -16.52 -16.91 -3.59
CA THR A 66 -16.74 -16.30 -2.29
C THR A 66 -15.98 -14.99 -2.07
N ARG A 67 -15.27 -14.49 -3.08
CA ARG A 67 -14.51 -13.26 -2.89
C ARG A 67 -15.46 -12.08 -2.69
N VAL A 68 -14.97 -11.10 -1.93
CA VAL A 68 -15.68 -9.83 -1.76
C VAL A 68 -15.35 -8.92 -2.93
N LYS A 69 -16.37 -8.31 -3.51
CA LYS A 69 -16.22 -7.47 -4.69
C LYS A 69 -16.40 -6.00 -4.32
N LEU A 70 -15.44 -5.17 -4.71
CA LEU A 70 -15.59 -3.73 -4.60
C LEU A 70 -16.45 -3.20 -5.76
N SER A 71 -17.11 -2.07 -5.51
CA SER A 71 -17.85 -1.41 -6.58
C SER A 71 -16.91 -1.08 -7.73
N ASN A 72 -17.37 -1.36 -8.95
CA ASN A 72 -16.50 -1.27 -10.11
C ASN A 72 -16.25 0.18 -10.49
N VAL A 73 -14.98 0.52 -10.71
CA VAL A 73 -14.61 1.83 -11.22
C VAL A 73 -14.72 1.80 -12.75
N ASP A 74 -15.34 2.83 -13.32
CA ASP A 74 -15.69 2.81 -14.74
C ASP A 74 -14.49 2.57 -15.64
N ASP A 75 -13.28 2.90 -15.19
CA ASP A 75 -12.12 2.84 -16.06
C ASP A 75 -11.41 1.49 -16.02
N ASP A 76 -11.28 0.88 -14.83
CA ASP A 76 -10.49 -0.33 -14.66
C ASP A 76 -11.40 -1.53 -14.50
N PRO A 77 -11.32 -2.55 -15.37
CA PRO A 77 -12.20 -3.72 -15.19
C PRO A 77 -11.85 -4.54 -13.97
N CYS A 78 -10.60 -4.53 -13.52
CA CYS A 78 -10.18 -5.26 -12.33
C CYS A 78 -10.26 -4.40 -11.07
N SER A 79 -11.00 -3.29 -11.11
CA SER A 79 -11.13 -2.44 -9.94
C SER A 79 -12.00 -3.06 -8.85
N ASP A 80 -12.68 -4.17 -9.13
CA ASP A 80 -13.55 -4.79 -8.13
C ASP A 80 -12.80 -5.73 -7.20
N TYR A 81 -11.49 -5.93 -7.38
CA TYR A 81 -10.79 -7.01 -6.71
C TYR A 81 -10.18 -6.55 -5.39
N ILE A 82 -10.38 -7.36 -4.36
CA ILE A 82 -9.63 -7.28 -3.11
C ILE A 82 -9.45 -8.71 -2.61
N ASN A 83 -8.30 -8.98 -2.00
CA ASN A 83 -8.04 -10.30 -1.44
C ASN A 83 -8.80 -10.41 -0.14
N ALA A 84 -10.06 -10.83 -0.25
CA ALA A 84 -10.97 -10.91 0.88
C ALA A 84 -12.07 -11.90 0.53
N SER A 85 -12.60 -12.59 1.54
CA SER A 85 -13.59 -13.63 1.34
C SER A 85 -14.70 -13.52 2.37
N TYR A 86 -15.93 -13.78 1.93
CA TYR A 86 -17.06 -13.91 2.85
C TYR A 86 -16.98 -15.25 3.59
N ILE A 87 -17.28 -15.21 4.88
CA ILE A 87 -17.24 -16.40 5.73
C ILE A 87 -18.56 -16.50 6.50
N PRO A 88 -19.26 -17.63 6.47
CA PRO A 88 -20.47 -17.77 7.28
C PRO A 88 -20.14 -17.98 8.75
N GLY A 89 -21.12 -17.68 9.59
CA GLY A 89 -21.03 -17.95 11.01
C GLY A 89 -22.23 -18.75 11.46
N ASN A 90 -22.52 -18.72 12.77
CA ASN A 90 -23.70 -19.40 13.27
C ASN A 90 -24.99 -18.75 12.84
N ASN A 91 -24.97 -17.45 12.52
CA ASN A 91 -26.18 -16.67 12.37
C ASN A 91 -26.42 -16.15 10.95
N PHE A 92 -25.36 -15.93 10.17
CA PHE A 92 -25.50 -15.33 8.84
C PHE A 92 -24.56 -16.01 7.86
N ARG A 93 -25.00 -16.07 6.60
CA ARG A 93 -24.16 -16.60 5.54
C ARG A 93 -22.95 -15.72 5.30
N ARG A 94 -23.08 -14.41 5.49
CA ARG A 94 -21.94 -13.50 5.36
C ARG A 94 -21.68 -12.83 6.70
N GLU A 95 -21.32 -13.63 7.70
CA GLU A 95 -21.12 -13.10 9.03
C GLU A 95 -19.76 -12.43 9.18
N TYR A 96 -18.75 -12.91 8.46
CA TYR A 96 -17.43 -12.33 8.51
C TYR A 96 -16.94 -12.07 7.09
N ILE A 97 -16.02 -11.11 7.00
CA ILE A 97 -15.15 -10.95 5.85
C ILE A 97 -13.74 -11.16 6.34
N VAL A 98 -13.03 -12.08 5.73
CA VAL A 98 -11.64 -12.35 6.05
C VAL A 98 -10.79 -11.75 4.95
N THR A 99 -9.67 -11.15 5.33
CA THR A 99 -8.83 -10.51 4.34
C THR A 99 -7.38 -10.59 4.80
N GLN A 100 -6.48 -10.23 3.90
CA GLN A 100 -5.07 -10.18 4.23
C GLN A 100 -4.75 -8.84 4.91
N GLY A 101 -3.62 -8.80 5.60
CA GLY A 101 -3.08 -7.55 6.06
C GLY A 101 -2.87 -6.63 4.86
N PRO A 102 -3.49 -5.47 4.86
CA PRO A 102 -3.40 -4.59 3.69
C PRO A 102 -1.97 -4.23 3.33
N LEU A 103 -1.74 -4.08 2.03
CA LEU A 103 -0.50 -3.55 1.49
C LEU A 103 -0.63 -2.04 1.33
N PRO A 104 0.49 -1.32 1.21
CA PRO A 104 0.36 0.13 0.92
C PRO A 104 -0.55 0.40 -0.26
N GLY A 105 -0.46 -0.43 -1.30
CA GLY A 105 -1.26 -0.24 -2.51
C GLY A 105 -2.69 -0.73 -2.43
N THR A 106 -3.06 -1.44 -1.37
CA THR A 106 -4.46 -1.88 -1.19
C THR A 106 -5.14 -1.24 0.01
N LYS A 107 -4.48 -0.33 0.72
CA LYS A 107 -5.09 0.33 1.87
C LYS A 107 -6.39 1.03 1.51
N ASP A 108 -6.38 1.79 0.40
CA ASP A 108 -7.60 2.47 0.00
C ASP A 108 -8.71 1.49 -0.34
N ASP A 109 -8.35 0.38 -1.02
CA ASP A 109 -9.35 -0.65 -1.32
C ASP A 109 -9.91 -1.26 -0.04
N PHE A 110 -9.06 -1.48 0.96
CA PHE A 110 -9.51 -2.04 2.22
C PHE A 110 -10.60 -1.17 2.85
N TRP A 111 -10.34 0.14 2.97
CA TRP A 111 -11.32 1.02 3.59
C TRP A 111 -12.55 1.21 2.70
N LYS A 112 -12.38 1.17 1.38
CA LYS A 112 -13.54 1.15 0.49
C LYS A 112 -14.42 -0.06 0.77
N MET A 113 -13.81 -1.24 0.94
CA MET A 113 -14.58 -2.43 1.30
C MET A 113 -15.29 -2.24 2.65
N VAL A 114 -14.58 -1.69 3.63
CA VAL A 114 -15.17 -1.47 4.95
C VAL A 114 -16.43 -0.62 4.81
N TRP A 115 -16.35 0.45 4.02
CA TRP A 115 -17.49 1.34 3.84
C TRP A 115 -18.63 0.66 3.10
N GLU A 116 -18.33 0.08 1.93
CA GLU A 116 -19.39 -0.48 1.09
C GLU A 116 -20.06 -1.67 1.74
N GLN A 117 -19.34 -2.45 2.55
CA GLN A 117 -19.90 -3.62 3.20
C GLN A 117 -20.53 -3.30 4.55
N ASN A 118 -20.62 -2.02 4.91
CA ASN A 118 -21.25 -1.59 6.16
C ASN A 118 -20.58 -2.23 7.38
N VAL A 119 -19.26 -2.29 7.34
CA VAL A 119 -18.48 -2.89 8.42
C VAL A 119 -18.44 -1.92 9.60
N HIS A 120 -18.74 -2.42 10.80
CA HIS A 120 -18.63 -1.65 12.03
C HIS A 120 -17.57 -2.18 12.96
N ASN A 121 -17.07 -3.40 12.75
CA ASN A 121 -16.08 -3.99 13.64
C ASN A 121 -14.98 -4.64 12.80
N ILE A 122 -13.73 -4.35 13.14
CA ILE A 122 -12.56 -4.92 12.48
C ILE A 122 -11.70 -5.60 13.54
N VAL A 123 -11.27 -6.83 13.24
CA VAL A 123 -10.44 -7.62 14.15
C VAL A 123 -9.10 -7.87 13.47
N MET A 124 -8.02 -7.56 14.17
CA MET A 124 -6.65 -7.71 13.67
C MET A 124 -5.87 -8.61 14.63
N VAL A 125 -5.40 -9.74 14.15
CA VAL A 125 -4.73 -10.72 15.01
C VAL A 125 -3.28 -10.87 14.60
N THR A 126 -2.60 -9.74 14.40
CA THR A 126 -1.19 -9.76 14.04
C THR A 126 -0.60 -8.42 14.45
N GLN A 127 0.72 -8.42 14.64
CA GLN A 127 1.48 -7.19 14.65
C GLN A 127 1.89 -6.85 13.23
N CYS A 128 2.17 -5.57 12.98
CA CYS A 128 2.62 -5.15 11.66
C CYS A 128 3.94 -5.81 11.30
N VAL A 129 4.83 -5.99 12.28
CA VAL A 129 6.13 -6.63 12.08
C VAL A 129 6.30 -7.69 13.15
N GLU A 130 6.78 -8.87 12.74
CA GLU A 130 7.00 -9.98 13.66
C GLU A 130 8.27 -10.71 13.24
N LYS A 131 9.18 -10.90 14.19
CA LYS A 131 10.48 -11.50 13.91
C LYS A 131 11.19 -10.77 12.78
N GLY A 132 11.06 -9.44 12.77
CA GLY A 132 11.69 -8.65 11.74
C GLY A 132 11.08 -8.78 10.36
N ARG A 133 9.93 -9.43 10.22
CA ARG A 133 9.27 -9.62 8.93
C ARG A 133 7.99 -8.80 8.89
N VAL A 134 7.80 -8.05 7.80
CA VAL A 134 6.59 -7.26 7.64
C VAL A 134 5.42 -8.19 7.39
N LYS A 135 4.39 -8.06 8.22
CA LYS A 135 3.21 -8.90 8.13
C LYS A 135 1.98 -8.12 7.71
N CYS A 136 1.95 -6.80 7.92
CA CYS A 136 0.79 -5.97 7.66
C CYS A 136 1.24 -4.52 7.67
N ASP A 137 0.68 -3.73 6.75
CA ASP A 137 0.95 -2.30 6.74
C ASP A 137 0.12 -1.61 7.79
N HIS A 138 0.67 -0.55 8.40
CA HIS A 138 -0.07 0.24 9.37
C HIS A 138 -1.09 1.09 8.60
N TYR A 139 -2.35 0.64 8.57
CA TYR A 139 -3.32 1.19 7.62
C TYR A 139 -4.35 2.11 8.27
N TRP A 140 -4.17 2.49 9.52
CA TRP A 140 -5.05 3.44 10.19
C TRP A 140 -4.25 4.63 10.69
N PRO A 141 -4.91 5.74 11.03
CA PRO A 141 -4.17 6.93 11.46
C PRO A 141 -3.40 6.69 12.75
N ALA A 142 -2.20 7.27 12.82
CA ALA A 142 -1.36 7.14 14.01
C ALA A 142 -1.74 8.13 15.10
N ASP A 143 -2.43 9.21 14.77
CA ASP A 143 -2.82 10.22 15.74
C ASP A 143 -4.29 10.57 15.58
N GLN A 144 -4.72 11.68 16.20
CA GLN A 144 -6.11 12.09 16.19
C GLN A 144 -6.47 12.98 15.01
N ASP A 145 -5.56 13.19 14.07
CA ASP A 145 -5.83 13.99 12.90
C ASP A 145 -6.46 13.12 11.81
N SER A 146 -7.35 13.74 11.03
CA SER A 146 -8.09 13.02 10.01
C SER A 146 -7.24 12.80 8.77
N LEU A 147 -7.53 11.71 8.07
CA LEU A 147 -6.82 11.34 6.85
C LEU A 147 -7.82 10.79 5.84
N TYR A 148 -7.58 11.10 4.57
CA TYR A 148 -8.36 10.53 3.48
C TYR A 148 -7.71 9.24 3.02
N TYR A 149 -8.51 8.19 2.87
CA TYR A 149 -8.11 6.97 2.18
C TYR A 149 -9.01 6.87 0.96
N GLY A 150 -8.49 7.29 -0.18
CA GLY A 150 -9.32 7.43 -1.36
C GLY A 150 -10.29 8.58 -1.19
N ASP A 151 -11.59 8.28 -1.19
CA ASP A 151 -12.62 9.27 -1.00
C ASP A 151 -13.27 9.19 0.38
N LEU A 152 -12.68 8.43 1.31
CA LEU A 152 -13.24 8.22 2.63
C LEU A 152 -12.38 8.93 3.66
N ILE A 153 -13.01 9.67 4.56
CA ILE A 153 -12.32 10.38 5.63
C ILE A 153 -12.31 9.49 6.87
N LEU A 154 -11.12 9.23 7.39
CA LEU A 154 -10.95 8.39 8.57
C LEU A 154 -10.28 9.20 9.69
N GLN A 155 -10.80 9.06 10.89
CA GLN A 155 -10.27 9.75 12.05
C GLN A 155 -10.31 8.83 13.26
N MET A 156 -9.18 8.70 13.95
CA MET A 156 -9.12 7.88 15.16
C MET A 156 -9.61 8.70 16.34
N LEU A 157 -10.71 8.26 16.95
CA LEU A 157 -11.30 8.98 18.06
C LEU A 157 -10.72 8.55 19.40
N SER A 158 -10.23 7.33 19.52
CA SER A 158 -9.68 6.84 20.79
C SER A 158 -8.82 5.62 20.54
N GLU A 159 -7.93 5.38 21.49
CA GLU A 159 -7.00 4.25 21.44
C GLU A 159 -6.74 3.78 22.86
N SER A 160 -7.13 2.54 23.17
CA SER A 160 -7.05 2.00 24.53
C SER A 160 -6.16 0.76 24.50
N VAL A 161 -4.97 0.87 25.07
CA VAL A 161 -3.98 -0.19 25.04
C VAL A 161 -4.11 -1.01 26.32
N LEU A 162 -4.56 -2.26 26.18
CA LEU A 162 -4.74 -3.19 27.28
C LEU A 162 -3.67 -4.27 27.23
N PRO A 163 -3.60 -5.12 28.26
CA PRO A 163 -2.47 -6.07 28.34
C PRO A 163 -2.33 -6.99 27.15
N GLU A 164 -3.43 -7.47 26.57
CA GLU A 164 -3.37 -8.47 25.51
C GLU A 164 -4.05 -8.03 24.23
N TRP A 165 -4.64 -6.83 24.18
CA TRP A 165 -5.16 -6.30 22.94
C TRP A 165 -5.34 -4.79 23.09
N THR A 166 -5.57 -4.14 21.95
CA THR A 166 -5.75 -2.70 21.88
C THR A 166 -7.04 -2.42 21.13
N ILE A 167 -7.87 -1.53 21.67
CA ILE A 167 -9.16 -1.21 21.08
C ILE A 167 -9.11 0.24 20.62
N ARG A 168 -9.44 0.46 19.34
CA ARG A 168 -9.48 1.79 18.77
C ARG A 168 -10.87 2.08 18.23
N GLU A 169 -11.25 3.36 18.25
CA GLU A 169 -12.50 3.82 17.68
C GLU A 169 -12.19 4.77 16.53
N PHE A 170 -12.77 4.49 15.36
CA PHE A 170 -12.59 5.32 14.18
C PHE A 170 -13.93 5.91 13.75
N LYS A 171 -13.88 7.13 13.26
CA LYS A 171 -14.99 7.76 12.57
C LYS A 171 -14.68 7.73 11.08
N ILE A 172 -15.63 7.23 10.29
CA ILE A 172 -15.47 7.13 8.85
C ILE A 172 -16.68 7.79 8.19
N CYS A 173 -16.44 8.47 7.08
CA CYS A 173 -17.51 9.09 6.32
C CYS A 173 -17.01 9.40 4.92
N GLY A 174 -17.93 9.35 3.96
CA GLY A 174 -17.61 9.78 2.62
C GLY A 174 -17.51 11.30 2.52
N GLU A 175 -16.66 11.75 1.61
CA GLU A 175 -16.41 13.18 1.48
C GLU A 175 -17.65 13.96 1.03
N GLU A 176 -18.64 13.26 0.46
CA GLU A 176 -19.82 13.95 -0.05
C GLU A 176 -20.84 14.21 1.04
N GLN A 177 -21.02 13.27 1.97
CA GLN A 177 -22.02 13.35 3.03
C GLN A 177 -21.30 13.33 4.38
N LEU A 178 -20.80 14.49 4.80
CA LEU A 178 -20.11 14.57 6.07
C LEU A 178 -21.04 14.31 7.26
N ASP A 179 -22.35 14.41 7.06
CA ASP A 179 -23.29 14.13 8.15
C ASP A 179 -23.53 12.64 8.32
N ALA A 180 -23.35 11.85 7.26
CA ALA A 180 -23.62 10.41 7.30
C ALA A 180 -22.33 9.66 7.63
N HIS A 181 -21.88 9.83 8.87
CA HIS A 181 -20.67 9.17 9.34
C HIS A 181 -21.03 7.86 10.03
N ARG A 182 -19.99 7.10 10.41
CA ARG A 182 -20.16 5.81 11.04
C ARG A 182 -19.03 5.60 12.04
N LEU A 183 -19.36 4.96 13.16
CA LEU A 183 -18.36 4.59 14.15
C LEU A 183 -17.90 3.15 13.89
N ILE A 184 -16.59 2.97 13.84
CA ILE A 184 -15.98 1.65 13.63
C ILE A 184 -15.11 1.35 14.85
N ARG A 185 -15.17 0.11 15.32
CA ARG A 185 -14.29 -0.34 16.39
C ARG A 185 -13.26 -1.31 15.83
N HIS A 186 -12.03 -1.17 16.29
CA HIS A 186 -10.89 -1.94 15.82
C HIS A 186 -10.29 -2.68 17.00
N PHE A 187 -10.25 -4.01 16.90
CA PHE A 187 -9.80 -4.89 17.97
C PHE A 187 -8.49 -5.54 17.55
N HIS A 188 -7.38 -5.09 18.14
CA HIS A 188 -6.04 -5.51 17.74
C HIS A 188 -5.45 -6.41 18.82
N TYR A 189 -5.41 -7.72 18.53
CA TYR A 189 -4.79 -8.68 19.43
C TYR A 189 -3.27 -8.62 19.25
N THR A 190 -2.56 -8.30 20.33
CA THR A 190 -1.16 -7.91 20.25
C THR A 190 -0.20 -8.90 20.89
N VAL A 191 -0.67 -10.07 21.32
CA VAL A 191 0.17 -10.98 22.08
C VAL A 191 0.26 -12.37 21.45
N TRP A 192 -0.15 -12.53 20.20
CA TRP A 192 0.07 -13.82 19.56
C TRP A 192 1.58 -14.02 19.43
N PRO A 193 2.14 -15.12 19.95
CA PRO A 193 3.60 -15.24 20.00
C PRO A 193 4.19 -15.51 18.62
N ASP A 194 5.48 -15.22 18.49
CA ASP A 194 6.18 -15.41 17.23
C ASP A 194 6.21 -16.87 16.80
N HIS A 195 6.03 -17.80 17.74
CA HIS A 195 6.05 -19.22 17.45
C HIS A 195 4.81 -19.87 18.06
N GLY A 196 4.16 -20.74 17.30
CA GLY A 196 3.11 -21.58 17.86
C GLY A 196 1.81 -20.83 18.06
N VAL A 197 1.10 -21.17 19.14
CA VAL A 197 -0.20 -20.61 19.45
C VAL A 197 -0.09 -19.84 20.76
N PRO A 198 -1.07 -19.02 21.13
CA PRO A 198 -0.97 -18.26 22.37
C PRO A 198 -0.63 -19.16 23.56
N GLU A 199 0.12 -18.61 24.51
CA GLU A 199 0.59 -19.39 25.64
C GLU A 199 -0.55 -19.83 26.55
N THR A 200 -1.67 -19.11 26.55
CA THR A 200 -2.84 -19.51 27.32
C THR A 200 -4.05 -19.55 26.40
N THR A 201 -5.01 -20.40 26.76
CA THR A 201 -6.32 -20.34 26.11
C THR A 201 -7.10 -19.11 26.56
N GLN A 202 -6.92 -18.70 27.83
CA GLN A 202 -7.71 -17.62 28.39
C GLN A 202 -7.56 -16.32 27.60
N SER A 203 -6.39 -16.07 27.01
N SER A 203 -6.39 -16.07 27.02
CA SER A 203 -6.18 -14.79 26.33
CA SER A 203 -6.16 -14.81 26.31
C SER A 203 -7.07 -14.68 25.09
C SER A 203 -7.08 -14.69 25.10
N LEU A 204 -7.06 -15.69 24.22
CA LEU A 204 -7.88 -15.60 23.01
C LEU A 204 -9.35 -15.80 23.30
N ILE A 205 -9.69 -16.64 24.28
CA ILE A 205 -11.08 -16.77 24.69
C ILE A 205 -11.65 -15.40 25.08
N GLN A 206 -10.95 -14.70 25.95
CA GLN A 206 -11.46 -13.43 26.46
C GLN A 206 -11.44 -12.36 25.38
N PHE A 207 -10.44 -12.38 24.49
CA PHE A 207 -10.45 -11.49 23.34
C PHE A 207 -11.67 -11.74 22.46
N VAL A 208 -11.94 -13.02 22.17
CA VAL A 208 -13.10 -13.37 21.34
C VAL A 208 -14.39 -12.90 22.00
N ARG A 209 -14.54 -13.15 23.30
N ARG A 209 -14.53 -13.16 23.30
CA ARG A 209 -15.76 -12.73 23.99
CA ARG A 209 -15.75 -12.74 24.00
C ARG A 209 -15.91 -11.23 23.98
C ARG A 209 -15.90 -11.22 23.96
N THR A 210 -14.79 -10.49 24.10
CA THR A 210 -14.85 -9.04 24.01
C THR A 210 -15.40 -8.60 22.66
N VAL A 211 -14.81 -9.11 21.57
CA VAL A 211 -15.27 -8.74 20.24
C VAL A 211 -16.73 -9.12 20.04
N ARG A 212 -17.09 -10.36 20.41
CA ARG A 212 -18.47 -10.82 20.20
C ARG A 212 -19.47 -9.93 20.94
N ASP A 213 -19.11 -9.49 22.15
CA ASP A 213 -20.00 -8.56 22.85
C ASP A 213 -20.22 -7.29 22.05
N TYR A 214 -19.18 -6.78 21.39
CA TYR A 214 -19.36 -5.58 20.57
C TYR A 214 -20.12 -5.90 19.29
N ILE A 215 -19.86 -7.08 18.69
CA ILE A 215 -20.64 -7.48 17.51
C ILE A 215 -22.12 -7.53 17.84
N ASN A 216 -22.47 -8.12 18.99
CA ASN A 216 -23.88 -8.24 19.36
C ASN A 216 -24.53 -6.88 19.59
N ARG A 217 -23.74 -5.83 19.85
CA ARG A 217 -24.30 -4.51 20.09
C ARG A 217 -24.60 -3.75 18.81
N SER A 218 -24.07 -4.19 17.67
CA SER A 218 -24.35 -3.53 16.40
C SER A 218 -25.16 -4.47 15.50
N PRO A 219 -26.43 -4.73 15.83
CA PRO A 219 -27.17 -5.76 15.10
C PRO A 219 -27.39 -5.44 13.63
N GLY A 220 -27.44 -4.16 13.25
CA GLY A 220 -27.59 -3.79 11.86
C GLY A 220 -26.31 -3.74 11.06
N ALA A 221 -25.18 -4.13 11.65
CA ALA A 221 -23.90 -4.01 10.97
C ALA A 221 -23.76 -5.08 9.89
N GLY A 222 -22.89 -4.79 8.92
CA GLY A 222 -22.50 -5.77 7.95
C GLY A 222 -21.57 -6.80 8.56
N PRO A 223 -20.82 -7.51 7.72
CA PRO A 223 -19.90 -8.54 8.26
C PRO A 223 -18.83 -7.92 9.14
N THR A 224 -18.34 -8.73 10.09
CA THR A 224 -17.17 -8.39 10.87
C THR A 224 -15.92 -8.73 10.08
N VAL A 225 -15.02 -7.75 9.93
CA VAL A 225 -13.76 -8.00 9.24
C VAL A 225 -12.78 -8.62 10.23
N VAL A 226 -12.07 -9.65 9.77
CA VAL A 226 -11.04 -10.33 10.55
C VAL A 226 -9.84 -10.53 9.63
N HIS A 227 -8.66 -10.13 10.10
CA HIS A 227 -7.47 -10.35 9.30
C HIS A 227 -6.27 -10.56 10.20
N CYS A 228 -5.27 -11.24 9.65
CA CYS A 228 -3.94 -11.31 10.23
C CYS A 228 -2.97 -10.87 9.12
N SER A 229 -1.97 -11.68 8.80
CA SER A 229 -1.11 -11.34 7.67
C SER A 229 -1.70 -11.90 6.37
N ALA A 230 -1.94 -13.20 6.32
CA ALA A 230 -2.54 -13.83 5.16
C ALA A 230 -4.04 -14.00 5.28
N GLY A 231 -4.59 -13.85 6.48
CA GLY A 231 -6.01 -14.02 6.69
C GLY A 231 -6.48 -15.46 6.63
N VAL A 232 -5.70 -16.41 7.15
CA VAL A 232 -6.16 -17.80 7.18
C VAL A 232 -5.90 -18.50 8.51
N GLY A 233 -4.69 -18.45 9.02
CA GLY A 233 -4.35 -19.22 10.20
C GLY A 233 -4.90 -18.66 11.49
N ARG A 234 -4.31 -17.57 11.96
CA ARG A 234 -4.84 -16.90 13.15
C ARG A 234 -6.25 -16.41 12.91
N THR A 235 -6.53 -15.93 11.70
CA THR A 235 -7.87 -15.44 11.39
C THR A 235 -8.88 -16.57 11.49
N GLY A 236 -8.55 -17.75 10.97
CA GLY A 236 -9.47 -18.86 11.03
C GLY A 236 -9.65 -19.38 12.44
N THR A 237 -8.57 -19.35 13.23
CA THR A 237 -8.67 -19.72 14.63
C THR A 237 -9.60 -18.78 15.39
N PHE A 238 -9.50 -17.47 15.12
CA PHE A 238 -10.40 -16.52 15.77
C PHE A 238 -11.86 -16.81 15.43
N ILE A 239 -12.14 -16.99 14.13
CA ILE A 239 -13.53 -17.19 13.72
C ILE A 239 -14.06 -18.51 14.25
N ALA A 240 -13.27 -19.58 14.14
CA ALA A 240 -13.72 -20.86 14.67
C ALA A 240 -14.02 -20.75 16.16
N LEU A 241 -13.14 -20.09 16.91
CA LEU A 241 -13.37 -19.95 18.35
C LEU A 241 -14.61 -19.12 18.62
N ASP A 242 -14.82 -18.04 17.86
CA ASP A 242 -16.02 -17.24 18.02
C ASP A 242 -17.28 -18.07 17.80
N ARG A 243 -17.27 -18.92 16.78
CA ARG A 243 -18.43 -19.74 16.48
C ARG A 243 -18.69 -20.77 17.58
N ILE A 244 -17.65 -21.47 18.02
CA ILE A 244 -17.87 -22.57 18.96
C ILE A 244 -18.16 -22.07 20.37
N LEU A 245 -17.64 -20.90 20.76
CA LEU A 245 -18.02 -20.35 22.06
C LEU A 245 -19.49 -19.95 22.09
N GLN A 246 -20.02 -19.47 20.96
CA GLN A 246 -21.46 -19.20 20.88
C GLN A 246 -22.25 -20.50 20.98
N GLN A 247 -21.81 -21.55 20.27
CA GLN A 247 -22.50 -22.83 20.37
C GLN A 247 -22.51 -23.34 21.81
N LEU A 248 -21.37 -23.22 22.49
CA LEU A 248 -21.27 -23.71 23.86
C LEU A 248 -22.23 -22.98 24.79
N ASP A 249 -22.37 -21.66 24.61
CA ASP A 249 -23.27 -20.91 25.48
C ASP A 249 -24.73 -21.14 25.14
N SER A 250 -25.06 -21.37 23.87
CA SER A 250 -26.45 -21.56 23.48
C SER A 250 -26.84 -23.04 23.48
N LYS A 251 -26.43 -23.77 22.44
CA LYS A 251 -26.82 -25.17 22.31
C LYS A 251 -26.23 -26.05 23.41
N ASP A 252 -25.22 -25.56 24.12
CA ASP A 252 -24.38 -26.38 24.99
C ASP A 252 -23.63 -27.45 24.21
N SER A 253 -23.64 -27.37 22.89
CA SER A 253 -22.98 -28.30 22.00
C SER A 253 -21.82 -27.61 21.29
N VAL A 254 -20.99 -28.40 20.61
CA VAL A 254 -19.77 -27.88 19.99
C VAL A 254 -19.42 -28.76 18.80
N ASP A 255 -19.17 -28.14 17.65
CA ASP A 255 -18.78 -28.85 16.43
C ASP A 255 -17.59 -28.12 15.83
N ILE A 256 -16.39 -28.44 16.33
CA ILE A 256 -15.19 -27.78 15.84
C ILE A 256 -14.89 -28.22 14.41
N TYR A 257 -15.01 -29.53 14.15
CA TYR A 257 -14.76 -30.05 12.82
C TYR A 257 -15.67 -29.38 11.79
N GLY A 258 -16.96 -29.34 12.07
CA GLY A 258 -17.89 -28.71 11.14
C GLY A 258 -17.59 -27.23 10.91
N ALA A 259 -17.15 -26.53 11.96
CA ALA A 259 -16.81 -25.11 11.81
C ALA A 259 -15.62 -24.93 10.87
N VAL A 260 -14.55 -25.71 11.09
CA VAL A 260 -13.38 -25.56 10.24
C VAL A 260 -13.69 -26.00 8.82
N HIS A 261 -14.48 -27.08 8.68
CA HIS A 261 -14.91 -27.50 7.36
C HIS A 261 -15.61 -26.37 6.61
N ASP A 262 -16.57 -25.72 7.27
CA ASP A 262 -17.29 -24.61 6.64
C ASP A 262 -16.35 -23.47 6.27
N LEU A 263 -15.41 -23.15 7.15
CA LEU A 263 -14.41 -22.12 6.83
C LEU A 263 -13.62 -22.49 5.59
N ARG A 264 -13.17 -23.74 5.49
CA ARG A 264 -12.36 -24.17 4.36
C ARG A 264 -13.12 -24.09 3.04
N LEU A 265 -14.44 -24.31 3.06
CA LEU A 265 -15.22 -24.18 1.84
C LEU A 265 -15.16 -22.75 1.29
N HIS A 266 -14.94 -21.77 2.16
CA HIS A 266 -15.01 -20.38 1.74
C HIS A 266 -13.64 -19.74 1.54
N ARG A 267 -12.58 -20.29 2.12
CA ARG A 267 -11.25 -19.74 1.95
C ARG A 267 -10.19 -20.78 2.30
N VAL A 268 -9.13 -20.79 1.51
CA VAL A 268 -8.06 -21.77 1.69
C VAL A 268 -7.41 -21.62 3.06
N HIS A 269 -6.95 -22.75 3.60
CA HIS A 269 -6.06 -22.84 4.75
C HIS A 269 -6.64 -22.32 6.06
N MET A 270 -7.93 -22.01 6.11
CA MET A 270 -8.51 -21.53 7.36
C MET A 270 -8.24 -22.52 8.50
N VAL A 271 -7.66 -22.02 9.59
CA VAL A 271 -7.06 -22.85 10.63
C VAL A 271 -5.97 -23.67 9.95
N GLN A 272 -4.78 -23.07 9.86
CA GLN A 272 -3.77 -23.50 8.94
C GLN A 272 -2.84 -24.58 9.48
N THR A 273 -2.80 -24.78 10.80
CA THR A 273 -1.92 -25.79 11.37
C THR A 273 -2.72 -26.70 12.29
N GLU A 274 -2.22 -27.92 12.46
CA GLU A 274 -2.81 -28.83 13.42
C GLU A 274 -2.73 -28.25 14.83
N CYS A 275 -1.63 -27.53 15.12
CA CYS A 275 -1.49 -26.93 16.44
C CYS A 275 -2.62 -25.95 16.73
N GLN A 276 -3.05 -25.20 15.71
CA GLN A 276 -4.19 -24.30 15.91
C GLN A 276 -5.48 -25.08 16.11
N TYR A 277 -5.61 -26.21 15.42
CA TYR A 277 -6.77 -27.07 15.60
C TYR A 277 -6.82 -27.63 17.02
N VAL A 278 -5.67 -28.05 17.55
CA VAL A 278 -5.60 -28.51 18.93
C VAL A 278 -5.98 -27.39 19.89
N TYR A 279 -5.45 -26.19 19.64
CA TYR A 279 -5.70 -25.06 20.53
C TYR A 279 -7.20 -24.78 20.66
N LEU A 280 -7.95 -24.89 19.55
CA LEU A 280 -9.40 -24.72 19.62
C LEU A 280 -10.04 -25.72 20.56
N HIS A 281 -9.63 -26.99 20.49
CA HIS A 281 -10.15 -27.99 21.40
C HIS A 281 -9.79 -27.68 22.84
N GLN A 282 -8.58 -27.16 23.07
CA GLN A 282 -8.16 -26.85 24.43
C GLN A 282 -8.97 -25.68 25.00
N CYS A 283 -9.30 -24.71 24.15
CA CYS A 283 -10.14 -23.60 24.59
C CYS A 283 -11.48 -24.11 25.10
N VAL A 284 -12.15 -24.97 24.32
CA VAL A 284 -13.45 -25.49 24.73
C VAL A 284 -13.31 -26.27 26.04
N ARG A 285 -12.32 -27.15 26.10
CA ARG A 285 -12.10 -27.93 27.33
C ARG A 285 -11.91 -27.01 28.53
N ASP A 286 -11.14 -25.93 28.36
CA ASP A 286 -10.86 -25.05 29.49
C ASP A 286 -12.10 -24.31 29.93
N VAL A 287 -12.94 -23.89 28.98
CA VAL A 287 -14.21 -23.25 29.35
C VAL A 287 -15.05 -24.22 30.17
N LEU A 288 -15.18 -25.46 29.70
CA LEU A 288 -15.99 -26.44 30.42
C LEU A 288 -15.42 -26.73 31.80
N ARG A 289 -14.09 -26.88 31.90
CA ARG A 289 -13.48 -27.19 33.19
C ARG A 289 -13.71 -26.07 34.19
N ALA A 290 -13.57 -24.81 33.74
CA ALA A 290 -13.79 -23.69 34.65
C ALA A 290 -15.22 -23.64 35.15
N ARG A 291 -16.17 -24.22 34.42
CA ARG A 291 -17.56 -24.22 34.83
C ARG A 291 -17.95 -25.41 35.68
N LYS A 292 -17.17 -26.49 35.65
CA LYS A 292 -17.46 -27.68 36.43
C LYS A 292 -16.56 -27.76 37.66
N GLN B 20 -8.96 28.02 -31.52
CA GLN B 20 -8.37 27.23 -30.46
C GLN B 20 -9.03 25.86 -30.36
N ALA B 21 -10.28 25.76 -30.84
CA ALA B 21 -10.99 24.49 -30.80
C ALA B 21 -10.25 23.42 -31.60
N ASP B 22 -9.72 23.79 -32.77
CA ASP B 22 -8.93 22.86 -33.55
C ASP B 22 -7.66 22.46 -32.79
N SER B 23 -7.05 23.41 -32.09
CA SER B 23 -5.86 23.10 -31.30
C SER B 23 -6.18 22.07 -30.22
N ASN B 24 -7.27 22.30 -29.48
CA ASN B 24 -7.69 21.32 -28.47
C ASN B 24 -7.97 19.97 -29.11
N TYR B 25 -8.57 19.96 -30.30
CA TYR B 25 -8.88 18.71 -30.96
C TYR B 25 -7.63 17.93 -31.32
N LEU B 26 -6.62 18.63 -31.85
CA LEU B 26 -5.38 17.95 -32.23
C LEU B 26 -4.64 17.41 -31.01
N LEU B 27 -4.55 18.21 -29.95
CA LEU B 27 -3.88 17.74 -28.74
C LEU B 27 -4.63 16.58 -28.11
N SER B 28 -5.96 16.57 -28.20
CA SER B 28 -6.72 15.44 -27.70
C SER B 28 -6.43 14.19 -28.50
N LYS B 29 -6.27 14.33 -29.83
CA LYS B 29 -5.93 13.19 -30.67
C LYS B 29 -4.54 12.66 -30.34
N GLU B 30 -3.56 13.54 -30.18
CA GLU B 30 -2.21 13.11 -29.84
C GLU B 30 -2.19 12.36 -28.51
N TYR B 31 -2.85 12.91 -27.50
CA TYR B 31 -2.88 12.26 -26.19
C TYR B 31 -3.49 10.86 -26.28
N GLU B 32 -4.43 10.65 -27.21
CA GLU B 32 -5.00 9.32 -27.39
C GLU B 32 -4.01 8.39 -28.07
N GLU B 33 -3.25 8.91 -29.05
CA GLU B 33 -2.27 8.08 -29.74
C GLU B 33 -1.15 7.62 -28.82
N LEU B 34 -1.00 8.24 -27.64
CA LEU B 34 0.05 7.87 -26.71
C LEU B 34 -0.38 6.84 -25.67
N LYS B 35 -1.67 6.51 -25.61
CA LYS B 35 -2.16 5.76 -24.45
C LYS B 35 -1.45 4.42 -24.30
N ASP B 36 -1.11 3.77 -25.41
CA ASP B 36 -0.53 2.43 -25.38
C ASP B 36 0.98 2.40 -25.54
N VAL B 37 1.62 3.56 -25.70
CA VAL B 37 3.06 3.58 -25.96
C VAL B 37 3.81 2.96 -24.78
N GLY B 38 4.67 2.00 -25.09
CA GLY B 38 5.52 1.37 -24.10
C GLY B 38 4.84 0.35 -23.21
N ARG B 39 3.51 0.21 -23.29
CA ARG B 39 2.78 -0.62 -22.33
C ARG B 39 2.89 -2.10 -22.62
N ASN B 40 3.56 -2.51 -23.69
CA ASN B 40 3.81 -3.92 -23.96
C ASN B 40 5.02 -4.46 -23.21
N GLN B 41 5.70 -3.63 -22.43
CA GLN B 41 6.91 -4.04 -21.73
C GLN B 41 6.56 -4.62 -20.36
N SER B 42 7.35 -5.59 -19.94
N SER B 42 7.35 -5.60 -19.94
CA SER B 42 7.08 -6.32 -18.70
CA SER B 42 7.07 -6.33 -18.71
C SER B 42 7.45 -5.51 -17.47
C SER B 42 7.49 -5.50 -17.49
N CYS B 43 6.67 -5.73 -16.40
N CYS B 43 6.74 -5.68 -16.40
CA CYS B 43 6.93 -5.18 -15.07
CA CYS B 43 7.07 -5.17 -15.08
C CYS B 43 6.98 -6.30 -14.04
C CYS B 43 7.00 -6.30 -14.05
N ASP B 44 7.51 -7.47 -14.43
CA ASP B 44 7.41 -8.64 -13.58
C ASP B 44 8.18 -8.47 -12.26
N ILE B 45 9.35 -7.84 -12.32
CA ILE B 45 10.17 -7.69 -11.12
C ILE B 45 9.42 -6.90 -10.05
N ALA B 46 8.76 -5.81 -10.46
CA ALA B 46 8.01 -4.99 -9.51
C ALA B 46 6.87 -5.76 -8.87
N LEU B 47 6.40 -6.83 -9.50
CA LEU B 47 5.27 -7.61 -9.01
C LEU B 47 5.66 -8.90 -8.31
N LEU B 48 6.96 -9.15 -8.14
CA LEU B 48 7.36 -10.30 -7.34
C LEU B 48 6.83 -10.12 -5.92
N PRO B 49 6.42 -11.21 -5.25
CA PRO B 49 5.75 -11.05 -3.95
C PRO B 49 6.51 -10.19 -2.96
N GLU B 50 7.82 -10.37 -2.85
CA GLU B 50 8.55 -9.60 -1.85
C GLU B 50 8.71 -8.13 -2.23
N ASN B 51 8.30 -7.72 -3.43
CA ASN B 51 8.35 -6.33 -3.87
C ASN B 51 7.01 -5.63 -3.82
N ARG B 52 5.91 -6.36 -3.63
CA ARG B 52 4.59 -5.73 -3.73
C ARG B 52 4.37 -4.70 -2.64
N GLY B 53 4.96 -4.90 -1.46
CA GLY B 53 4.87 -3.89 -0.41
C GLY B 53 5.73 -2.66 -0.62
N LYS B 54 6.54 -2.64 -1.68
CA LYS B 54 7.42 -1.50 -1.96
C LYS B 54 6.83 -0.55 -2.98
N ASN B 55 5.60 -0.79 -3.43
CA ASN B 55 4.94 0.02 -4.45
C ASN B 55 3.82 0.83 -3.80
N ARG B 56 3.86 2.14 -3.99
CA ARG B 56 2.80 3.00 -3.44
C ARG B 56 1.47 2.75 -4.14
N TYR B 57 1.50 2.57 -5.45
CA TYR B 57 0.31 2.26 -6.23
C TYR B 57 0.56 0.94 -6.93
N ASN B 58 -0.36 -0.02 -6.74
CA ASN B 58 -0.08 -1.37 -7.21
C ASN B 58 -0.05 -1.46 -8.73
N ASN B 59 -0.49 -0.42 -9.44
CA ASN B 59 -0.50 -0.41 -10.90
C ASN B 59 0.41 0.64 -11.50
N ILE B 60 1.22 1.34 -10.70
CA ILE B 60 2.24 2.23 -11.22
C ILE B 60 3.58 1.59 -10.88
N LEU B 61 4.19 0.94 -11.86
CA LEU B 61 5.34 0.08 -11.68
C LEU B 61 6.40 0.40 -12.73
N PRO B 62 7.68 0.25 -12.38
CA PRO B 62 8.72 0.42 -13.39
C PRO B 62 8.77 -0.78 -14.33
N TYR B 63 9.07 -0.50 -15.58
CA TYR B 63 9.38 -1.56 -16.53
C TYR B 63 10.69 -2.24 -16.14
N ASP B 64 10.74 -3.56 -16.30
CA ASP B 64 11.97 -4.30 -16.06
C ASP B 64 13.15 -3.70 -16.81
N ALA B 65 12.90 -3.22 -18.03
CA ALA B 65 13.99 -2.82 -18.91
C ALA B 65 14.60 -1.48 -18.52
N THR B 66 13.90 -0.65 -17.75
CA THR B 66 14.40 0.67 -17.42
C THR B 66 14.45 0.95 -15.92
N ARG B 67 14.18 -0.04 -15.07
CA ARG B 67 14.17 0.22 -13.64
C ARG B 67 15.57 0.52 -13.12
N VAL B 68 15.63 1.29 -12.04
CA VAL B 68 16.87 1.55 -11.32
C VAL B 68 17.05 0.44 -10.29
N LYS B 69 18.23 -0.16 -10.27
CA LYS B 69 18.55 -1.24 -9.35
C LYS B 69 19.39 -0.72 -8.20
N LEU B 70 19.09 -1.21 -7.01
CA LEU B 70 19.95 -0.98 -5.85
C LEU B 70 21.11 -1.96 -5.87
N SER B 71 22.31 -1.47 -5.53
CA SER B 71 23.52 -2.26 -5.66
C SER B 71 24.01 -2.81 -4.32
N ASN B 72 24.05 -1.99 -3.27
CA ASN B 72 24.60 -2.39 -1.98
C ASN B 72 23.51 -3.12 -1.19
N VAL B 73 23.20 -4.34 -1.65
CA VAL B 73 22.12 -5.14 -1.10
C VAL B 73 22.57 -6.60 -1.04
N ASP B 74 21.88 -7.38 -0.21
CA ASP B 74 22.26 -8.76 0.04
C ASP B 74 21.79 -9.65 -1.12
N ASP B 75 21.95 -10.96 -0.96
CA ASP B 75 21.64 -11.96 -1.98
C ASP B 75 20.17 -12.36 -2.01
N ASP B 76 19.34 -11.83 -1.13
CA ASP B 76 17.93 -12.18 -1.17
C ASP B 76 17.35 -11.76 -2.53
N PRO B 77 16.54 -12.60 -3.16
CA PRO B 77 15.82 -12.13 -4.33
C PRO B 77 14.90 -10.99 -3.95
N CYS B 78 14.85 -9.98 -4.82
CA CYS B 78 14.06 -8.76 -4.66
C CYS B 78 14.78 -7.71 -3.81
N SER B 79 15.97 -8.00 -3.28
CA SER B 79 16.66 -6.99 -2.47
C SER B 79 17.08 -5.77 -3.28
N ASP B 80 17.15 -5.88 -4.62
CA ASP B 80 17.65 -4.79 -5.43
C ASP B 80 16.56 -3.83 -5.89
N TYR B 81 15.33 -4.01 -5.42
CA TYR B 81 14.20 -3.34 -6.05
C TYR B 81 13.88 -2.00 -5.41
N ILE B 82 13.66 -1.01 -6.27
CA ILE B 82 13.01 0.23 -5.89
C ILE B 82 12.12 0.65 -7.05
N ASN B 83 10.98 1.25 -6.73
CA ASN B 83 10.06 1.73 -7.76
C ASN B 83 10.63 3.01 -8.34
N ALA B 84 11.48 2.86 -9.35
CA ALA B 84 12.20 3.97 -9.95
C ALA B 84 12.66 3.57 -11.34
N SER B 85 12.78 4.56 -12.22
CA SER B 85 13.07 4.32 -13.63
C SER B 85 14.03 5.39 -14.15
N TYR B 86 14.89 4.97 -15.07
CA TYR B 86 15.74 5.91 -15.81
C TYR B 86 14.93 6.57 -16.91
N ILE B 87 15.11 7.88 -17.07
CA ILE B 87 14.39 8.65 -18.08
C ILE B 87 15.38 9.45 -18.91
N PRO B 88 15.37 9.34 -20.24
CA PRO B 88 16.28 10.16 -21.04
C PRO B 88 15.82 11.61 -21.12
N GLY B 89 16.77 12.47 -21.45
CA GLY B 89 16.50 13.89 -21.64
C GLY B 89 17.12 14.40 -22.93
N ASN B 90 17.26 15.72 -23.06
CA ASN B 90 17.83 16.27 -24.29
C ASN B 90 19.32 15.97 -24.44
N ASN B 91 19.99 15.62 -23.35
CA ASN B 91 21.45 15.52 -23.35
C ASN B 91 21.97 14.13 -22.98
N PHE B 92 21.21 13.34 -22.22
CA PHE B 92 21.68 12.05 -21.75
C PHE B 92 20.53 11.05 -21.79
N ARG B 93 20.88 9.77 -21.98
CA ARG B 93 19.87 8.72 -21.94
C ARG B 93 19.44 8.41 -20.52
N ARG B 94 20.30 8.63 -19.54
CA ARG B 94 19.92 8.47 -18.14
C ARG B 94 19.97 9.82 -17.45
N GLU B 95 19.27 10.79 -18.03
CA GLU B 95 19.35 12.17 -17.53
C GLU B 95 18.59 12.34 -16.22
N TYR B 96 17.51 11.59 -16.03
CA TYR B 96 16.73 11.66 -14.82
C TYR B 96 16.49 10.26 -14.27
N ILE B 97 16.24 10.21 -12.97
CA ILE B 97 15.64 9.06 -12.32
C ILE B 97 14.31 9.53 -11.77
N VAL B 98 13.23 8.86 -12.16
N VAL B 98 13.24 8.86 -12.16
CA VAL B 98 11.91 9.16 -11.63
CA VAL B 98 11.91 9.13 -11.66
C VAL B 98 11.52 8.03 -10.69
C VAL B 98 11.53 8.03 -10.68
N THR B 99 10.83 8.39 -9.61
CA THR B 99 10.48 7.44 -8.59
C THR B 99 9.17 7.90 -7.96
N GLN B 100 8.49 6.96 -7.31
CA GLN B 100 7.32 7.30 -6.51
C GLN B 100 7.76 8.10 -5.30
N GLY B 101 6.79 8.78 -4.68
CA GLY B 101 7.01 9.35 -3.37
C GLY B 101 7.36 8.26 -2.40
N PRO B 102 8.52 8.37 -1.73
CA PRO B 102 8.96 7.31 -0.82
C PRO B 102 7.88 6.96 0.20
N LEU B 103 7.76 5.67 0.47
CA LEU B 103 6.92 5.14 1.54
C LEU B 103 7.71 5.12 2.84
N PRO B 104 7.03 5.08 3.99
CA PRO B 104 7.76 4.95 5.26
C PRO B 104 8.75 3.80 5.23
N GLY B 105 8.38 2.69 4.59
CA GLY B 105 9.22 1.52 4.50
C GLY B 105 10.22 1.51 3.36
N THR B 106 10.24 2.52 2.48
CA THR B 106 11.21 2.54 1.39
C THR B 106 12.11 3.77 1.38
N LYS B 107 12.01 4.68 2.36
CA LYS B 107 12.81 5.88 2.25
C LYS B 107 14.30 5.59 2.46
N ASP B 108 14.63 4.54 3.24
CA ASP B 108 16.02 4.11 3.27
C ASP B 108 16.50 3.69 1.90
N ASP B 109 15.65 2.96 1.15
CA ASP B 109 16.00 2.58 -0.23
C ASP B 109 16.18 3.81 -1.10
N PHE B 110 15.27 4.79 -0.96
CA PHE B 110 15.39 6.02 -1.74
C PHE B 110 16.74 6.69 -1.52
N TRP B 111 17.16 6.85 -0.27
CA TRP B 111 18.44 7.51 -0.02
C TRP B 111 19.62 6.65 -0.45
N LYS B 112 19.50 5.32 -0.35
CA LYS B 112 20.55 4.46 -0.91
C LYS B 112 20.70 4.68 -2.42
N MET B 113 19.57 4.77 -3.13
CA MET B 113 19.62 5.04 -4.57
C MET B 113 20.25 6.40 -4.85
N VAL B 114 19.84 7.42 -4.08
CA VAL B 114 20.43 8.76 -4.27
C VAL B 114 21.94 8.69 -4.10
N TRP B 115 22.41 7.99 -3.07
CA TRP B 115 23.84 7.88 -2.84
C TRP B 115 24.53 7.12 -3.97
N GLU B 116 24.05 5.91 -4.25
CA GLU B 116 24.70 5.05 -5.23
C GLU B 116 24.73 5.66 -6.62
N GLN B 117 23.69 6.39 -6.99
CA GLN B 117 23.58 6.96 -8.33
C GLN B 117 24.23 8.34 -8.43
N ASN B 118 24.87 8.81 -7.37
CA ASN B 118 25.59 10.09 -7.38
C ASN B 118 24.66 11.25 -7.69
N VAL B 119 23.44 11.18 -7.15
CA VAL B 119 22.45 12.24 -7.33
C VAL B 119 22.86 13.45 -6.50
N HIS B 120 22.83 14.64 -7.13
CA HIS B 120 23.07 15.90 -6.45
C HIS B 120 21.87 16.83 -6.44
N ASN B 121 20.84 16.56 -7.24
CA ASN B 121 19.64 17.39 -7.30
C ASN B 121 18.40 16.50 -7.28
N ILE B 122 17.47 16.84 -6.39
CA ILE B 122 16.18 16.16 -6.27
C ILE B 122 15.09 17.19 -6.49
N VAL B 123 14.13 16.86 -7.35
CA VAL B 123 12.95 17.68 -7.61
C VAL B 123 11.73 16.96 -7.08
N MET B 124 10.96 17.65 -6.24
CA MET B 124 9.74 17.12 -5.66
C MET B 124 8.59 18.04 -6.04
N VAL B 125 7.61 17.52 -6.76
CA VAL B 125 6.52 18.36 -7.26
C VAL B 125 5.18 17.92 -6.67
N THR B 126 5.23 17.34 -5.48
CA THR B 126 4.04 17.07 -4.69
C THR B 126 4.25 17.59 -3.28
N GLN B 127 3.15 17.89 -2.60
CA GLN B 127 3.20 18.00 -1.15
C GLN B 127 3.09 16.60 -0.53
N CYS B 128 3.49 16.50 0.73
CA CYS B 128 3.39 15.22 1.43
C CYS B 128 1.93 14.83 1.65
N VAL B 129 1.11 15.81 1.97
CA VAL B 129 -0.33 15.63 2.15
C VAL B 129 -1.04 16.73 1.36
N GLU B 130 -2.04 16.35 0.58
CA GLU B 130 -2.81 17.30 -0.23
C GLU B 130 -4.29 17.06 0.05
N LYS B 131 -4.95 18.06 0.64
CA LYS B 131 -6.38 17.98 0.95
C LYS B 131 -6.68 16.78 1.84
N GLY B 132 -5.75 16.46 2.74
CA GLY B 132 -5.89 15.33 3.62
C GLY B 132 -5.49 13.99 3.02
N ARG B 133 -5.07 13.95 1.76
CA ARG B 133 -4.63 12.72 1.13
C ARG B 133 -3.12 12.61 1.19
N VAL B 134 -2.64 11.48 1.71
CA VAL B 134 -1.20 11.23 1.80
C VAL B 134 -0.67 10.94 0.41
N LYS B 135 0.32 11.72 -0.02
CA LYS B 135 0.96 11.56 -1.33
C LYS B 135 2.40 11.09 -1.23
N CYS B 136 3.07 11.39 -0.13
CA CYS B 136 4.49 11.12 0.00
C CYS B 136 4.86 11.19 1.47
N ASP B 137 5.70 10.26 1.91
CA ASP B 137 6.19 10.32 3.28
C ASP B 137 7.23 11.42 3.39
N HIS B 138 7.21 12.13 4.51
CA HIS B 138 8.23 13.14 4.78
C HIS B 138 9.55 12.42 5.05
N TYR B 139 10.47 12.47 4.09
CA TYR B 139 11.63 11.57 4.08
C TYR B 139 12.95 12.28 4.32
N TRP B 140 12.95 13.53 4.78
CA TRP B 140 14.16 14.27 5.07
C TRP B 140 14.10 14.86 6.46
N PRO B 141 15.23 15.30 7.00
CA PRO B 141 15.24 15.91 8.34
C PRO B 141 14.57 17.27 8.33
N ALA B 142 13.71 17.51 9.32
CA ALA B 142 12.96 18.75 9.40
C ALA B 142 13.60 19.79 10.31
N ASP B 143 14.37 19.36 11.30
CA ASP B 143 15.01 20.27 12.22
C ASP B 143 16.53 20.23 12.03
N GLN B 144 17.27 20.62 13.07
CA GLN B 144 18.73 20.69 12.97
C GLN B 144 19.40 19.33 13.11
N ASP B 145 18.72 18.35 13.69
CA ASP B 145 19.34 17.07 13.96
C ASP B 145 19.56 16.27 12.69
N SER B 146 20.69 15.56 12.65
N SER B 146 20.67 15.53 12.66
CA SER B 146 20.92 14.58 11.59
CA SER B 146 20.92 14.60 11.56
C SER B 146 20.02 13.38 11.82
C SER B 146 20.19 13.29 11.82
N LEU B 147 19.80 12.62 10.74
CA LEU B 147 19.03 11.39 10.80
C LEU B 147 19.75 10.28 10.04
N TYR B 148 19.55 9.05 10.52
CA TYR B 148 20.08 7.87 9.87
C TYR B 148 19.03 7.29 8.94
N TYR B 149 19.43 6.99 7.71
CA TYR B 149 18.62 6.22 6.76
C TYR B 149 19.51 5.05 6.34
N GLY B 150 19.38 3.92 7.03
CA GLY B 150 20.30 2.83 6.81
C GLY B 150 21.66 3.20 7.36
N ASP B 151 22.70 3.04 6.53
CA ASP B 151 24.06 3.43 6.91
C ASP B 151 24.42 4.82 6.39
N LEU B 152 23.44 5.61 5.96
CA LEU B 152 23.66 6.97 5.49
C LEU B 152 23.19 7.95 6.55
N ILE B 153 23.90 9.06 6.66
CA ILE B 153 23.56 10.13 7.58
C ILE B 153 23.13 11.34 6.75
N LEU B 154 21.99 11.92 7.10
CA LEU B 154 21.43 13.05 6.39
C LEU B 154 21.23 14.21 7.35
N GLN B 155 21.64 15.41 6.92
CA GLN B 155 21.45 16.63 7.69
C GLN B 155 21.04 17.74 6.75
N MET B 156 20.08 18.57 7.19
CA MET B 156 19.61 19.69 6.38
C MET B 156 20.46 20.92 6.72
N LEU B 157 21.24 21.38 5.74
CA LEU B 157 22.10 22.54 5.92
C LEU B 157 21.31 23.83 5.81
N SER B 158 20.33 23.87 4.90
CA SER B 158 19.68 25.12 4.50
C SER B 158 18.24 24.84 4.12
N GLU B 159 17.37 25.80 4.40
CA GLU B 159 15.97 25.73 3.98
C GLU B 159 15.50 27.13 3.62
N SER B 160 15.11 27.34 2.36
CA SER B 160 14.58 28.62 1.89
C SER B 160 13.15 28.39 1.42
N VAL B 161 12.19 28.87 2.21
CA VAL B 161 10.77 28.69 1.92
C VAL B 161 10.28 29.90 1.15
N LEU B 162 9.72 29.68 -0.04
CA LEU B 162 9.16 30.73 -0.87
C LEU B 162 7.69 30.43 -1.12
N PRO B 163 6.92 31.38 -1.65
CA PRO B 163 5.47 31.15 -1.76
C PRO B 163 5.10 29.92 -2.57
N GLU B 164 5.81 29.63 -3.67
CA GLU B 164 5.44 28.54 -4.56
C GLU B 164 6.41 27.38 -4.55
N TRP B 165 7.58 27.53 -3.93
CA TRP B 165 8.47 26.38 -3.78
C TRP B 165 9.44 26.63 -2.63
N THR B 166 10.08 25.55 -2.20
CA THR B 166 11.07 25.56 -1.13
C THR B 166 12.32 24.88 -1.64
N ILE B 167 13.48 25.49 -1.41
CA ILE B 167 14.76 24.92 -1.80
C ILE B 167 15.50 24.54 -0.53
N ARG B 168 15.89 23.28 -0.43
CA ARG B 168 16.65 22.80 0.71
C ARG B 168 18.00 22.29 0.25
N GLU B 169 18.97 22.34 1.16
CA GLU B 169 20.30 21.78 0.94
C GLU B 169 20.55 20.74 2.01
N PHE B 170 20.93 19.53 1.57
CA PHE B 170 21.23 18.44 2.47
C PHE B 170 22.69 18.06 2.36
N LYS B 171 23.25 17.66 3.50
CA LYS B 171 24.55 17.01 3.57
C LYS B 171 24.35 15.53 3.80
N ILE B 172 24.91 14.70 2.93
CA ILE B 172 24.77 13.25 3.03
C ILE B 172 26.15 12.62 3.05
N CYS B 173 26.28 11.55 3.82
CA CYS B 173 27.53 10.81 3.87
C CYS B 173 27.26 9.42 4.44
N GLY B 174 28.20 8.51 4.18
CA GLY B 174 28.15 7.20 4.81
C GLY B 174 28.68 7.26 6.24
N GLU B 175 28.06 6.47 7.11
CA GLU B 175 28.41 6.51 8.53
C GLU B 175 29.86 6.14 8.79
N GLU B 176 30.50 5.42 7.86
CA GLU B 176 31.88 4.98 8.06
C GLU B 176 32.90 5.97 7.52
N GLN B 177 32.50 6.94 6.69
CA GLN B 177 33.43 7.89 6.08
C GLN B 177 32.78 9.29 6.13
N LEU B 178 32.82 9.90 7.32
CA LEU B 178 32.17 11.19 7.51
C LEU B 178 32.82 12.29 6.69
N ASP B 179 34.05 12.10 6.20
CA ASP B 179 34.73 13.12 5.41
C ASP B 179 34.33 13.10 3.95
N ALA B 180 33.77 12.01 3.46
CA ALA B 180 33.34 11.91 2.07
C ALA B 180 31.85 12.24 1.97
N HIS B 181 31.54 13.52 2.19
CA HIS B 181 30.17 13.98 2.19
C HIS B 181 29.84 14.72 0.89
N ARG B 182 28.55 14.90 0.66
CA ARG B 182 28.05 15.45 -0.59
C ARG B 182 26.93 16.43 -0.27
N LEU B 183 26.83 17.48 -1.07
CA LEU B 183 25.73 18.42 -1.00
C LEU B 183 24.67 18.02 -2.02
N ILE B 184 23.42 17.92 -1.56
CA ILE B 184 22.28 17.62 -2.42
C ILE B 184 21.29 18.77 -2.32
N ARG B 185 20.85 19.28 -3.46
CA ARG B 185 19.82 20.31 -3.50
C ARG B 185 18.47 19.68 -3.74
N HIS B 186 17.46 20.18 -3.02
CA HIS B 186 16.12 19.64 -3.03
C HIS B 186 15.18 20.78 -3.44
N PHE B 187 14.51 20.62 -4.58
CA PHE B 187 13.65 21.65 -5.14
C PHE B 187 12.21 21.17 -5.00
N HIS B 188 11.47 21.80 -4.10
CA HIS B 188 10.15 21.34 -3.70
C HIS B 188 9.11 22.36 -4.17
N TYR B 189 8.41 22.02 -5.24
CA TYR B 189 7.32 22.84 -5.77
C TYR B 189 6.05 22.46 -5.04
N THR B 190 5.42 23.44 -4.37
CA THR B 190 4.40 23.15 -3.38
C THR B 190 2.99 23.55 -3.80
N VAL B 191 2.77 24.01 -5.03
CA VAL B 191 1.46 24.49 -5.45
C VAL B 191 1.02 23.80 -6.74
N TRP B 192 1.30 22.51 -6.85
CA TRP B 192 0.89 21.70 -8.00
C TRP B 192 -0.03 20.58 -7.51
N PRO B 193 -1.34 20.68 -7.70
CA PRO B 193 -2.23 19.65 -7.19
C PRO B 193 -2.11 18.35 -7.97
N ASP B 194 -2.24 17.24 -7.26
CA ASP B 194 -2.20 15.93 -7.88
C ASP B 194 -3.26 15.83 -8.97
N HIS B 195 -2.89 15.20 -10.09
CA HIS B 195 -3.77 15.00 -11.24
C HIS B 195 -4.19 16.29 -11.91
N GLY B 196 -3.57 17.41 -11.55
CA GLY B 196 -3.93 18.70 -12.14
C GLY B 196 -2.72 19.45 -12.67
N VAL B 197 -2.84 20.76 -12.79
CA VAL B 197 -1.75 21.60 -13.27
C VAL B 197 -1.64 22.82 -12.36
N PRO B 198 -0.52 23.53 -12.42
CA PRO B 198 -0.41 24.80 -11.67
C PRO B 198 -1.41 25.83 -12.16
N GLU B 199 -1.63 26.86 -11.33
CA GLU B 199 -2.59 27.90 -11.69
C GLU B 199 -2.08 28.76 -12.83
N THR B 200 -0.77 28.91 -12.98
CA THR B 200 -0.20 29.68 -14.07
C THR B 200 0.90 28.87 -14.74
N THR B 201 1.22 29.26 -15.98
CA THR B 201 2.37 28.69 -16.66
C THR B 201 3.66 29.34 -16.22
N GLN B 202 3.62 30.63 -15.88
CA GLN B 202 4.83 31.36 -15.49
C GLN B 202 5.46 30.76 -14.25
N SER B 203 4.64 30.33 -13.29
CA SER B 203 5.17 29.79 -12.05
C SER B 203 6.04 28.57 -12.30
N LEU B 204 5.51 27.58 -13.02
CA LEU B 204 6.27 26.34 -13.24
C LEU B 204 7.43 26.57 -14.20
N ILE B 205 7.24 27.45 -15.19
CA ILE B 205 8.32 27.75 -16.12
C ILE B 205 9.53 28.30 -15.36
N GLN B 206 9.28 29.22 -14.43
CA GLN B 206 10.37 29.78 -13.64
C GLN B 206 11.00 28.73 -12.73
N PHE B 207 10.19 27.86 -12.14
CA PHE B 207 10.73 26.78 -11.30
C PHE B 207 11.61 25.85 -12.13
N VAL B 208 11.14 25.46 -13.31
CA VAL B 208 11.92 24.57 -14.17
C VAL B 208 13.25 25.21 -14.55
N ARG B 209 13.21 26.49 -14.95
CA ARG B 209 14.43 27.18 -15.33
C ARG B 209 15.40 27.29 -14.16
N THR B 210 14.89 27.52 -12.96
CA THR B 210 15.73 27.53 -11.77
C THR B 210 16.42 26.19 -11.56
N VAL B 211 15.64 25.10 -11.63
CA VAL B 211 16.22 23.77 -11.45
C VAL B 211 17.25 23.48 -12.55
N ARG B 212 16.88 23.77 -13.80
CA ARG B 212 17.80 23.52 -14.91
C ARG B 212 19.09 24.30 -14.72
N ASP B 213 19.00 25.54 -14.23
CA ASP B 213 20.20 26.29 -13.90
C ASP B 213 21.11 25.50 -12.97
N TYR B 214 20.56 24.96 -11.88
CA TYR B 214 21.37 24.21 -10.93
C TYR B 214 21.88 22.91 -11.52
N ILE B 215 21.08 22.25 -12.35
CA ILE B 215 21.56 21.01 -12.98
C ILE B 215 22.79 21.31 -13.84
N ASN B 216 22.72 22.39 -14.64
CA ASN B 216 23.86 22.76 -15.46
C ASN B 216 25.08 23.14 -14.64
N ARG B 217 24.88 23.58 -13.39
CA ARG B 217 25.97 23.94 -12.50
C ARG B 217 26.57 22.77 -11.74
N SER B 218 26.16 21.53 -12.05
CA SER B 218 26.70 20.33 -11.40
C SER B 218 27.09 19.31 -12.45
N PRO B 219 28.15 19.58 -13.23
CA PRO B 219 28.45 18.73 -14.39
C PRO B 219 28.72 17.27 -14.05
N GLY B 220 29.47 16.99 -13.00
CA GLY B 220 29.82 15.61 -12.69
C GLY B 220 28.73 14.79 -12.03
N ALA B 221 27.51 15.31 -11.92
CA ALA B 221 26.50 14.63 -11.13
C ALA B 221 25.86 13.48 -11.89
N GLY B 222 25.28 12.55 -11.15
CA GLY B 222 24.46 11.52 -11.73
C GLY B 222 23.15 12.10 -12.21
N PRO B 223 22.15 11.25 -12.42
CA PRO B 223 20.86 11.74 -12.89
C PRO B 223 20.18 12.64 -11.87
N THR B 224 19.33 13.53 -12.38
CA THR B 224 18.45 14.31 -11.53
C THR B 224 17.24 13.47 -11.13
N VAL B 225 16.96 13.40 -9.83
CA VAL B 225 15.79 12.69 -9.36
C VAL B 225 14.59 13.63 -9.43
N VAL B 226 13.48 13.12 -9.96
CA VAL B 226 12.22 13.85 -10.00
C VAL B 226 11.15 12.91 -9.49
N HIS B 227 10.31 13.39 -8.57
CA HIS B 227 9.24 12.55 -8.09
C HIS B 227 8.04 13.39 -7.69
N CYS B 228 6.87 12.76 -7.74
CA CYS B 228 5.64 13.29 -7.19
C CYS B 228 5.10 12.23 -6.22
N SER B 229 3.83 11.84 -6.36
CA SER B 229 3.34 10.73 -5.57
C SER B 229 3.60 9.40 -6.26
N ALA B 230 3.15 9.26 -7.52
CA ALA B 230 3.39 8.05 -8.29
C ALA B 230 4.65 8.13 -9.14
N GLY B 231 5.20 9.31 -9.34
CA GLY B 231 6.34 9.50 -10.23
C GLY B 231 6.01 9.34 -11.70
N VAL B 232 4.83 9.81 -12.13
CA VAL B 232 4.48 9.73 -13.54
C VAL B 232 3.84 11.04 -14.02
N GLY B 233 2.81 11.50 -13.33
CA GLY B 233 1.99 12.58 -13.85
C GLY B 233 2.65 13.94 -13.80
N ARG B 234 2.71 14.51 -12.60
CA ARG B 234 3.41 15.78 -12.44
C ARG B 234 4.89 15.62 -12.73
N THR B 235 5.47 14.47 -12.37
CA THR B 235 6.87 14.21 -12.68
C THR B 235 7.13 14.25 -14.18
N GLY B 236 6.29 13.56 -14.95
CA GLY B 236 6.50 13.53 -16.39
C GLY B 236 6.28 14.89 -17.02
N THR B 237 5.30 15.64 -16.53
CA THR B 237 5.07 16.98 -17.02
C THR B 237 6.27 17.88 -16.74
N PHE B 238 6.87 17.75 -15.55
CA PHE B 238 8.07 18.53 -15.23
C PHE B 238 9.19 18.22 -16.22
N ILE B 239 9.49 16.94 -16.41
CA ILE B 239 10.60 16.56 -17.29
C ILE B 239 10.34 17.05 -18.72
N ALA B 240 9.13 16.83 -19.23
CA ALA B 240 8.81 17.30 -20.57
C ALA B 240 9.02 18.81 -20.69
N LEU B 241 8.53 19.56 -19.70
CA LEU B 241 8.72 21.00 -19.74
C LEU B 241 10.20 21.37 -19.67
N ASP B 242 10.97 20.66 -18.84
CA ASP B 242 12.41 20.88 -18.79
C ASP B 242 13.05 20.66 -20.15
N ARG B 243 12.64 19.60 -20.85
CA ARG B 243 13.24 19.29 -22.15
C ARG B 243 12.89 20.35 -23.19
N ILE B 244 11.62 20.75 -23.24
CA ILE B 244 11.20 21.66 -24.31
C ILE B 244 11.69 23.08 -24.05
N LEU B 245 11.82 23.48 -22.78
CA LEU B 245 12.35 24.80 -22.50
C LEU B 245 13.80 24.93 -22.95
N GLN B 246 14.58 23.85 -22.80
CA GLN B 246 15.93 23.84 -23.35
C GLN B 246 15.90 23.95 -24.87
N GLN B 247 14.98 23.23 -25.52
CA GLN B 247 14.87 23.31 -26.97
C GLN B 247 14.49 24.71 -27.41
N LEU B 248 13.63 25.40 -26.66
CA LEU B 248 13.19 26.73 -27.04
C LEU B 248 14.31 27.76 -26.97
N ASP B 249 15.40 27.48 -26.24
CA ASP B 249 16.51 28.41 -26.20
C ASP B 249 17.24 28.48 -27.53
N SER B 250 17.22 27.39 -28.30
CA SER B 250 17.90 27.33 -29.59
C SER B 250 16.99 27.70 -30.74
N LYS B 251 15.80 27.11 -30.80
CA LYS B 251 14.85 27.30 -31.87
C LYS B 251 13.53 27.81 -31.29
N ASP B 252 12.55 28.02 -32.18
CA ASP B 252 11.20 28.42 -31.78
C ASP B 252 10.18 27.31 -31.97
N SER B 253 10.63 26.09 -32.27
CA SER B 253 9.75 24.94 -32.41
C SER B 253 10.24 23.83 -31.50
N VAL B 254 9.31 22.98 -31.06
CA VAL B 254 9.62 21.90 -30.15
C VAL B 254 8.66 20.74 -30.42
N ASP B 255 9.16 19.52 -30.27
CA ASP B 255 8.36 18.31 -30.49
C ASP B 255 7.89 17.84 -29.11
N ILE B 256 6.76 18.39 -28.66
CA ILE B 256 6.19 17.97 -27.39
C ILE B 256 5.71 16.53 -27.47
N TYR B 257 5.00 16.19 -28.54
CA TYR B 257 4.55 14.81 -28.71
C TYR B 257 5.72 13.84 -28.65
N GLY B 258 6.78 14.12 -29.42
CA GLY B 258 7.93 13.24 -29.42
C GLY B 258 8.54 13.07 -28.04
N ALA B 259 8.58 14.16 -27.26
CA ALA B 259 9.13 14.08 -25.92
C ALA B 259 8.30 13.17 -25.03
N VAL B 260 6.99 13.42 -24.95
CA VAL B 260 6.13 12.58 -24.13
C VAL B 260 6.16 11.14 -24.61
N HIS B 261 6.19 10.95 -25.94
CA HIS B 261 6.32 9.59 -26.48
C HIS B 261 7.56 8.91 -25.94
N ASP B 262 8.69 9.63 -25.88
CA ASP B 262 9.92 9.05 -25.37
C ASP B 262 9.81 8.70 -23.89
N LEU B 263 9.13 9.55 -23.12
CA LEU B 263 8.94 9.26 -21.69
C LEU B 263 8.11 7.99 -21.51
N ARG B 264 7.06 7.83 -22.32
CA ARG B 264 6.18 6.67 -22.15
C ARG B 264 6.91 5.37 -22.45
N LEU B 265 7.90 5.40 -23.34
CA LEU B 265 8.68 4.21 -23.61
C LEU B 265 9.48 3.75 -22.40
N HIS B 266 9.72 4.65 -21.44
CA HIS B 266 10.55 4.32 -20.29
C HIS B 266 9.78 4.16 -18.99
N ARG B 267 8.58 4.71 -18.88
CA ARG B 267 7.75 4.54 -17.69
C ARG B 267 6.29 4.83 -18.03
N VAL B 268 5.39 4.08 -17.38
CA VAL B 268 3.97 4.23 -17.65
C VAL B 268 3.48 5.63 -17.28
N HIS B 269 2.44 6.08 -18.00
CA HIS B 269 1.61 7.22 -17.62
C HIS B 269 2.39 8.52 -17.45
N MET B 270 3.63 8.60 -17.93
CA MET B 270 4.37 9.87 -17.87
C MET B 270 3.57 10.96 -18.57
N VAL B 271 3.25 12.02 -17.84
CA VAL B 271 2.24 13.00 -18.23
C VAL B 271 0.89 12.29 -18.19
N GLN B 272 0.20 12.36 -17.05
CA GLN B 272 -0.92 11.48 -16.77
C GLN B 272 -2.19 11.91 -17.51
N THR B 273 -2.60 13.17 -17.34
CA THR B 273 -3.87 13.65 -17.83
C THR B 273 -3.71 14.45 -19.12
N GLU B 274 -4.82 14.61 -19.84
CA GLU B 274 -4.79 15.43 -21.04
C GLU B 274 -4.61 16.90 -20.71
N CYS B 275 -5.16 17.37 -19.59
CA CYS B 275 -4.94 18.75 -19.17
C CYS B 275 -3.46 19.03 -18.93
N GLN B 276 -2.73 18.04 -18.39
CA GLN B 276 -1.28 18.20 -18.24
C GLN B 276 -0.59 18.25 -19.60
N TYR B 277 -1.05 17.43 -20.54
CA TYR B 277 -0.49 17.46 -21.88
C TYR B 277 -0.75 18.79 -22.57
N VAL B 278 -1.98 19.31 -22.43
CA VAL B 278 -2.31 20.60 -23.03
C VAL B 278 -1.56 21.72 -22.33
N TYR B 279 -1.38 21.59 -21.01
CA TYR B 279 -0.65 22.61 -20.26
C TYR B 279 0.77 22.80 -20.80
N LEU B 280 1.42 21.70 -21.22
CA LEU B 280 2.74 21.83 -21.82
C LEU B 280 2.71 22.69 -23.06
N HIS B 281 1.62 22.62 -23.83
CA HIS B 281 1.51 23.45 -25.02
C HIS B 281 1.23 24.90 -24.67
N GLN B 282 0.43 25.13 -23.62
CA GLN B 282 0.21 26.50 -23.16
C GLN B 282 1.51 27.13 -22.66
N CYS B 283 2.41 26.32 -22.10
CA CYS B 283 3.70 26.86 -21.66
C CYS B 283 4.52 27.35 -22.85
N VAL B 284 4.64 26.52 -23.89
CA VAL B 284 5.39 26.93 -25.07
C VAL B 284 4.74 28.16 -25.70
N ARG B 285 3.41 28.14 -25.83
CA ARG B 285 2.70 29.30 -26.37
C ARG B 285 3.04 30.56 -25.59
N ASP B 286 2.97 30.49 -24.26
CA ASP B 286 3.23 31.67 -23.44
C ASP B 286 4.67 32.13 -23.55
N VAL B 287 5.61 31.19 -23.71
CA VAL B 287 7.01 31.58 -23.89
C VAL B 287 7.21 32.30 -25.21
N LEU B 288 6.61 31.78 -26.28
CA LEU B 288 6.77 32.41 -27.59
C LEU B 288 6.13 33.80 -27.61
N ARG B 289 4.93 33.92 -27.06
CA ARG B 289 4.26 35.22 -27.04
C ARG B 289 5.06 36.23 -26.23
N ALA B 290 5.57 35.82 -25.07
CA ALA B 290 6.33 36.75 -24.23
C ALA B 290 7.56 37.27 -24.95
N ARG B 291 8.29 36.39 -25.63
CA ARG B 291 9.49 36.81 -26.35
C ARG B 291 9.16 37.68 -27.56
N LYS B 292 8.01 37.45 -28.18
CA LYS B 292 7.60 38.24 -29.34
C LYS B 292 7.39 39.71 -28.93
#